data_4JYH
#
_entry.id   4JYH
#
_cell.length_a   58.300
_cell.length_b   84.140
_cell.length_c   108.860
_cell.angle_alpha   90.00
_cell.angle_beta   90.00
_cell.angle_gamma   90.00
#
_symmetry.space_group_name_H-M   'P 21 21 21'
#
loop_
_entity.id
_entity.type
_entity.pdbx_description
1 polymer 'Retinoic acid receptor beta'
2 polymer 'Nuclear receptor coactivator 1'
3 non-polymer '4-{[(8-phenylnaphthalen-2-yl)carbonyl]amino}benzoic acid'
4 non-polymer 'CITRATE ANION'
5 water water
#
loop_
_entity_poly.entity_id
_entity_poly.type
_entity_poly.pdbx_seq_one_letter_code
_entity_poly.pdbx_strand_id
1 'polypeptide(L)'
;MGSSHHHHHHSSGLVPRGSHMESYEMTAELDDLTEKIRKAHQETFPSLCQLGKYTTNSSADHRVRLDLGLWDKFSELATK
CIIKIVEFAKRLPGFTGLTIADQITLLKAACLDILILRICTRYTPEQDTMTFSDGLTLNRTQMHNAGFGPLTDLVFTFAN
QLLPLEMDDTETGLLSAICLICGDRQDLEEPTKVDKLQEPLLEALKIYIRKRRPSKPHMFPKILMKITDLRSISAKGAER
VITLKMEIPGSMPPLIQEMMENSEGHE
;
A,B
2 'polypeptide(L)' RHKILHRLLQEGS C,G
#
loop_
_chem_comp.id
_chem_comp.type
_chem_comp.name
_chem_comp.formula
FLC non-polymer 'CITRATE ANION' 'C6 H5 O7 -3'
JYH non-polymer '4-{[(8-phenylnaphthalen-2-yl)carbonyl]amino}benzoic acid' 'C24 H17 N O3'
#
# COMPACT_ATOMS: atom_id res chain seq x y z
N SER A 23 16.17 19.27 -29.82
CA SER A 23 15.50 18.19 -29.11
C SER A 23 15.29 18.55 -27.64
N TYR A 24 14.01 18.63 -27.26
CA TYR A 24 13.63 18.91 -25.89
C TYR A 24 14.35 17.97 -24.91
N GLU A 25 14.86 18.54 -23.82
CA GLU A 25 15.77 17.84 -22.95
C GLU A 25 15.14 16.73 -22.10
N MET A 26 14.12 17.07 -21.33
CA MET A 26 13.51 16.10 -20.43
C MET A 26 12.85 14.96 -21.21
N THR A 27 12.31 15.27 -22.39
CA THR A 27 11.77 14.23 -23.25
C THR A 27 12.86 13.22 -23.54
N ALA A 28 14.04 13.71 -23.89
CA ALA A 28 15.15 12.86 -24.25
C ALA A 28 15.62 12.01 -23.08
N GLU A 29 15.84 12.65 -21.93
CA GLU A 29 16.32 11.95 -20.74
C GLU A 29 15.36 10.87 -20.25
N LEU A 30 14.07 11.12 -20.39
CA LEU A 30 13.06 10.17 -19.92
C LEU A 30 12.95 8.97 -20.84
N ASP A 31 13.12 9.18 -22.14
CA ASP A 31 13.15 8.08 -23.10
C ASP A 31 14.35 7.20 -22.83
N ASP A 32 15.40 7.81 -22.29
CA ASP A 32 16.62 7.10 -21.96
C ASP A 32 16.37 6.22 -20.74
N LEU A 33 15.88 6.85 -19.68
CA LEU A 33 15.51 6.15 -18.45
C LEU A 33 14.55 5.00 -18.74
N THR A 34 13.50 5.30 -19.50
CA THR A 34 12.49 4.31 -19.85
C THR A 34 13.11 3.09 -20.51
N GLU A 35 14.08 3.32 -21.38
CA GLU A 35 14.74 2.25 -22.12
C GLU A 35 15.66 1.41 -21.24
N LYS A 36 16.47 2.08 -20.43
CA LYS A 36 17.40 1.38 -19.56
C LYS A 36 16.66 0.45 -18.59
N ILE A 37 15.51 0.88 -18.12
CA ILE A 37 14.71 0.12 -17.18
C ILE A 37 13.99 -1.05 -17.85
N ARG A 38 13.49 -0.83 -19.05
CA ARG A 38 12.85 -1.90 -19.79
C ARG A 38 13.85 -3.01 -20.04
N LYS A 39 15.02 -2.62 -20.55
CA LYS A 39 16.11 -3.55 -20.84
C LYS A 39 16.54 -4.28 -19.56
N ALA A 40 16.77 -3.52 -18.49
CA ALA A 40 17.15 -4.09 -17.20
C ALA A 40 16.10 -5.05 -16.66
N HIS A 41 14.89 -4.98 -17.21
CA HIS A 41 13.81 -5.87 -16.78
C HIS A 41 13.77 -7.12 -17.66
N GLN A 42 13.80 -6.92 -18.98
CA GLN A 42 13.83 -8.05 -19.91
C GLN A 42 15.02 -8.96 -19.63
N GLU A 43 16.18 -8.37 -19.35
CA GLU A 43 17.40 -9.13 -19.18
C GLU A 43 17.57 -9.71 -17.77
N THR A 44 16.58 -9.46 -16.92
CA THR A 44 16.61 -10.02 -15.56
C THR A 44 15.33 -10.76 -15.23
N PHE A 45 14.46 -10.91 -16.23
CA PHE A 45 13.17 -11.57 -16.04
C PHE A 45 12.54 -11.92 -17.37
N PRO A 46 12.63 -13.21 -17.76
CA PRO A 46 12.08 -13.72 -19.03
C PRO A 46 10.56 -13.54 -19.14
N SER A 47 10.07 -13.48 -20.38
CA SER A 47 8.65 -13.29 -20.63
C SER A 47 7.91 -14.63 -20.62
N LEU A 48 6.68 -14.61 -20.13
CA LEU A 48 5.85 -15.80 -20.05
C LEU A 48 5.75 -16.51 -21.40
N CYS A 49 5.89 -15.74 -22.48
CA CYS A 49 5.78 -16.30 -23.83
C CYS A 49 7.07 -16.97 -24.29
N GLN A 50 8.19 -16.60 -23.67
CA GLN A 50 9.49 -17.16 -24.06
C GLN A 50 9.98 -18.19 -23.04
N LEU A 51 9.05 -18.74 -22.25
CA LEU A 51 9.41 -19.77 -21.30
C LEU A 51 8.87 -21.15 -21.71
N GLY A 52 9.77 -22.13 -21.74
CA GLY A 52 9.38 -23.50 -21.97
C GLY A 52 8.82 -24.13 -20.72
N LYS A 53 7.51 -24.12 -20.58
CA LYS A 53 6.84 -24.64 -19.39
C LYS A 53 7.04 -26.13 -19.19
N TYR A 54 6.61 -26.60 -18.01
CA TYR A 54 6.62 -28.02 -17.66
C TYR A 54 6.01 -28.15 -16.27
N THR A 55 5.31 -29.24 -16.00
CA THR A 55 4.62 -29.39 -14.73
C THR A 55 5.25 -30.44 -13.81
N THR A 56 4.60 -30.67 -12.67
CA THR A 56 4.99 -31.73 -11.74
C THR A 56 3.73 -32.23 -11.05
N ASN A 57 3.77 -33.45 -10.51
CA ASN A 57 2.58 -34.05 -9.92
C ASN A 57 2.53 -33.99 -8.40
N SER A 58 3.54 -33.37 -7.80
CA SER A 58 3.64 -33.28 -6.34
C SER A 58 2.50 -32.49 -5.70
N SER A 59 1.69 -33.16 -4.90
CA SER A 59 0.55 -32.56 -4.22
C SER A 59 -0.24 -31.61 -5.13
N ALA A 60 -0.65 -32.10 -6.29
CA ALA A 60 -1.28 -31.25 -7.29
C ALA A 60 -2.81 -31.24 -7.22
N ASP A 61 -3.39 -32.23 -6.56
CA ASP A 61 -4.84 -32.40 -6.57
C ASP A 61 -5.49 -31.88 -5.29
N HIS A 62 -4.91 -32.22 -4.15
CA HIS A 62 -5.46 -31.74 -2.89
C HIS A 62 -4.47 -30.83 -2.17
N ARG A 63 -5.00 -30.06 -1.24
CA ARG A 63 -4.29 -28.99 -0.59
C ARG A 63 -3.87 -29.38 0.82
N VAL A 64 -2.58 -29.23 1.12
CA VAL A 64 -2.03 -29.69 2.39
C VAL A 64 -1.26 -28.58 3.08
N ARG A 65 -0.83 -28.83 4.31
CA ARG A 65 -0.14 -27.83 5.11
C ARG A 65 1.13 -27.35 4.42
N LEU A 66 1.94 -28.30 3.96
CA LEU A 66 3.20 -27.98 3.32
C LEU A 66 3.79 -29.18 2.61
N ASP A 67 4.17 -28.97 1.35
CA ASP A 67 4.87 -30.01 0.60
C ASP A 67 6.36 -29.68 0.60
N LEU A 68 7.11 -30.37 1.46
CA LEU A 68 8.54 -30.11 1.58
C LEU A 68 9.24 -30.15 0.22
N GLY A 69 8.76 -31.00 -0.68
CA GLY A 69 9.33 -31.11 -2.00
C GLY A 69 9.12 -29.85 -2.82
N LEU A 70 7.91 -29.32 -2.79
CA LEU A 70 7.59 -28.11 -3.54
C LEU A 70 8.26 -26.89 -2.94
N TRP A 71 8.30 -26.82 -1.62
CA TRP A 71 8.97 -25.72 -0.94
C TRP A 71 10.40 -25.59 -1.42
N ASP A 72 11.16 -26.67 -1.28
CA ASP A 72 12.57 -26.65 -1.65
C ASP A 72 12.76 -26.03 -3.03
N LYS A 73 11.96 -26.47 -3.98
CA LYS A 73 12.08 -25.99 -5.36
C LYS A 73 11.60 -24.55 -5.51
N PHE A 74 10.50 -24.22 -4.83
CA PHE A 74 9.98 -22.86 -4.84
C PHE A 74 10.99 -21.88 -4.24
N SER A 75 11.51 -22.23 -3.07
CA SER A 75 12.46 -21.40 -2.35
C SER A 75 13.77 -21.23 -3.11
N GLU A 76 14.12 -22.24 -3.90
CA GLU A 76 15.32 -22.17 -4.72
C GLU A 76 15.13 -21.18 -5.86
N LEU A 77 13.94 -21.21 -6.45
CA LEU A 77 13.63 -20.36 -7.59
C LEU A 77 13.39 -18.92 -7.15
N ALA A 78 12.83 -18.77 -5.95
CA ALA A 78 12.63 -17.45 -5.38
C ALA A 78 13.99 -16.82 -5.09
N THR A 79 14.89 -17.60 -4.51
CA THR A 79 16.23 -17.10 -4.19
C THR A 79 16.91 -16.58 -5.45
N LYS A 80 16.81 -17.33 -6.53
CA LYS A 80 17.44 -16.95 -7.78
C LYS A 80 16.76 -15.73 -8.39
N CYS A 81 15.49 -15.55 -8.07
CA CYS A 81 14.76 -14.38 -8.53
C CYS A 81 15.22 -13.16 -7.75
N ILE A 82 15.47 -13.36 -6.47
CA ILE A 82 16.01 -12.31 -5.62
C ILE A 82 17.34 -11.83 -6.19
N ILE A 83 18.26 -12.77 -6.40
CA ILE A 83 19.51 -12.48 -7.10
C ILE A 83 19.24 -11.70 -8.37
N LYS A 84 18.28 -12.18 -9.16
CA LYS A 84 17.86 -11.49 -10.37
C LYS A 84 17.39 -10.06 -10.07
N ILE A 85 16.59 -9.91 -9.01
CA ILE A 85 16.06 -8.62 -8.61
C ILE A 85 17.17 -7.66 -8.18
N VAL A 86 18.19 -8.21 -7.53
CA VAL A 86 19.34 -7.42 -7.11
C VAL A 86 20.11 -6.88 -8.31
N GLU A 87 20.24 -7.69 -9.35
CA GLU A 87 20.92 -7.24 -10.56
C GLU A 87 20.11 -6.15 -11.24
N PHE A 88 18.79 -6.25 -11.11
CA PHE A 88 17.89 -5.24 -11.65
C PHE A 88 18.12 -3.88 -11.00
N ALA A 89 18.17 -3.88 -9.67
CA ALA A 89 18.39 -2.65 -8.92
C ALA A 89 19.67 -1.95 -9.36
N LYS A 90 20.75 -2.73 -9.40
CA LYS A 90 22.05 -2.20 -9.80
C LYS A 90 22.00 -1.57 -11.19
N ARG A 91 21.03 -1.98 -12.00
CA ARG A 91 20.88 -1.39 -13.33
C ARG A 91 20.05 -0.10 -13.34
N LEU A 92 19.49 0.27 -12.19
CA LEU A 92 18.65 1.46 -12.10
C LEU A 92 19.47 2.73 -11.96
N PRO A 93 19.28 3.68 -12.88
CA PRO A 93 19.98 4.98 -12.82
C PRO A 93 19.97 5.55 -11.41
N GLY A 94 21.17 5.80 -10.87
CA GLY A 94 21.31 6.43 -9.58
C GLY A 94 21.31 5.50 -8.37
N PHE A 95 20.90 4.26 -8.56
CA PHE A 95 20.75 3.34 -7.43
C PHE A 95 22.06 3.05 -6.70
N THR A 96 23.14 2.86 -7.46
CA THR A 96 24.46 2.65 -6.86
C THR A 96 25.12 3.98 -6.50
N GLY A 97 24.30 5.04 -6.47
CA GLY A 97 24.76 6.34 -6.06
C GLY A 97 24.28 6.62 -4.66
N LEU A 98 23.38 5.77 -4.18
CA LEU A 98 22.90 5.85 -2.81
C LEU A 98 23.93 5.25 -1.86
N THR A 99 23.69 5.36 -0.56
CA THR A 99 24.57 4.71 0.40
C THR A 99 24.29 3.22 0.42
N ILE A 100 25.22 2.46 0.96
CA ILE A 100 25.14 1.02 0.95
C ILE A 100 24.11 0.51 1.97
N ALA A 101 24.00 1.23 3.07
CA ALA A 101 22.91 1.00 4.00
C ALA A 101 21.58 1.21 3.29
N ASP A 102 21.49 2.29 2.52
CA ASP A 102 20.26 2.62 1.82
C ASP A 102 19.93 1.66 0.67
N GLN A 103 20.93 1.33 -0.14
CA GLN A 103 20.76 0.33 -1.19
C GLN A 103 20.28 -0.98 -0.58
N ILE A 104 20.94 -1.43 0.49
CA ILE A 104 20.54 -2.64 1.21
C ILE A 104 19.12 -2.52 1.75
N THR A 105 18.84 -1.39 2.39
CA THR A 105 17.55 -1.14 3.02
C THR A 105 16.42 -1.18 2.01
N LEU A 106 16.64 -0.54 0.87
CA LEU A 106 15.64 -0.49 -0.20
C LEU A 106 15.34 -1.87 -0.75
N LEU A 107 16.40 -2.66 -0.95
CA LEU A 107 16.24 -4.01 -1.45
C LEU A 107 15.40 -4.86 -0.51
N LYS A 108 15.73 -4.81 0.78
CA LYS A 108 15.03 -5.62 1.77
C LYS A 108 13.55 -5.24 1.90
N ALA A 109 13.23 -3.98 1.63
CA ALA A 109 11.87 -3.50 1.82
C ALA A 109 11.00 -3.65 0.57
N ALA A 110 11.64 -3.81 -0.58
CA ALA A 110 10.90 -3.95 -1.84
C ALA A 110 11.03 -5.35 -2.44
N CYS A 111 11.87 -6.17 -1.85
CA CYS A 111 12.13 -7.51 -2.38
C CYS A 111 10.85 -8.32 -2.54
N LEU A 112 10.01 -8.29 -1.52
CA LEU A 112 8.79 -9.07 -1.51
C LEU A 112 7.73 -8.44 -2.41
N ASP A 113 7.70 -7.11 -2.45
CA ASP A 113 6.81 -6.39 -3.37
C ASP A 113 7.03 -6.90 -4.78
N ILE A 114 8.30 -6.91 -5.20
CA ILE A 114 8.64 -7.31 -6.56
C ILE A 114 8.49 -8.82 -6.78
N LEU A 115 8.84 -9.63 -5.79
CA LEU A 115 8.58 -11.07 -5.89
C LEU A 115 7.13 -11.31 -6.28
N ILE A 116 6.23 -10.64 -5.57
CA ILE A 116 4.80 -10.75 -5.83
C ILE A 116 4.49 -10.30 -7.26
N LEU A 117 4.90 -9.08 -7.58
CA LEU A 117 4.64 -8.51 -8.90
C LEU A 117 5.15 -9.41 -10.03
N ARG A 118 6.38 -9.89 -9.89
CA ARG A 118 6.99 -10.72 -10.92
C ARG A 118 6.20 -12.01 -11.15
N ILE A 119 5.87 -12.71 -10.07
CA ILE A 119 5.16 -13.97 -10.20
C ILE A 119 3.75 -13.76 -10.75
N CYS A 120 3.13 -12.64 -10.41
CA CYS A 120 1.76 -12.37 -10.83
C CYS A 120 1.65 -12.01 -12.31
N THR A 121 2.78 -11.75 -12.95
CA THR A 121 2.80 -11.49 -14.39
C THR A 121 3.13 -12.77 -15.14
N ARG A 122 3.30 -13.84 -14.37
CA ARG A 122 3.59 -15.16 -14.92
C ARG A 122 2.39 -16.05 -14.67
N TYR A 123 1.21 -15.44 -14.65
CA TYR A 123 -0.03 -16.15 -14.38
C TYR A 123 -0.75 -16.50 -15.67
N THR A 124 -1.27 -17.71 -15.74
CA THR A 124 -2.03 -18.17 -16.90
C THR A 124 -3.44 -18.51 -16.47
N PRO A 125 -4.43 -17.77 -16.99
CA PRO A 125 -5.83 -17.80 -16.54
C PRO A 125 -6.53 -19.13 -16.82
N GLU A 126 -6.39 -19.63 -18.04
CA GLU A 126 -7.07 -20.84 -18.46
C GLU A 126 -6.74 -22.05 -17.59
N GLN A 127 -5.45 -22.18 -17.24
CA GLN A 127 -5.01 -23.31 -16.44
C GLN A 127 -4.90 -22.97 -14.96
N ASP A 128 -5.11 -21.69 -14.64
CA ASP A 128 -5.05 -21.22 -13.25
C ASP A 128 -3.71 -21.60 -12.65
N THR A 129 -2.64 -21.09 -13.26
CA THR A 129 -1.29 -21.49 -12.89
C THR A 129 -0.28 -20.35 -12.98
N MET A 130 0.90 -20.56 -12.40
CA MET A 130 1.98 -19.57 -12.47
C MET A 130 3.29 -20.25 -12.86
N THR A 131 4.12 -19.53 -13.62
CA THR A 131 5.32 -20.11 -14.21
C THR A 131 6.60 -19.43 -13.77
N PHE A 132 7.49 -20.20 -13.15
CA PHE A 132 8.77 -19.68 -12.70
C PHE A 132 9.73 -19.46 -13.86
N SER A 133 10.98 -19.15 -13.55
CA SER A 133 11.94 -18.77 -14.57
C SER A 133 12.60 -19.97 -15.24
N ASP A 134 12.58 -21.11 -14.56
CA ASP A 134 13.17 -22.32 -15.12
C ASP A 134 12.12 -23.07 -15.94
N GLY A 135 10.91 -22.51 -15.97
CA GLY A 135 9.82 -23.09 -16.73
C GLY A 135 8.74 -23.72 -15.86
N LEU A 136 9.11 -24.06 -14.63
CA LEU A 136 8.19 -24.76 -13.74
C LEU A 136 6.82 -24.10 -13.72
N THR A 137 5.77 -24.91 -13.82
CA THR A 137 4.42 -24.37 -13.84
C THR A 137 3.54 -25.07 -12.80
N LEU A 138 3.25 -24.35 -11.71
CA LEU A 138 2.45 -24.89 -10.62
C LEU A 138 1.04 -24.31 -10.62
N ASN A 139 0.05 -25.14 -10.36
CA ASN A 139 -1.32 -24.66 -10.27
C ASN A 139 -1.58 -24.01 -8.92
N ARG A 140 -2.80 -23.52 -8.72
CA ARG A 140 -3.15 -22.80 -7.49
C ARG A 140 -2.91 -23.62 -6.24
N THR A 141 -3.18 -24.92 -6.33
CA THR A 141 -3.05 -25.82 -5.19
C THR A 141 -1.59 -26.05 -4.86
N GLN A 142 -0.80 -26.34 -5.89
CA GLN A 142 0.63 -26.52 -5.72
C GLN A 142 1.32 -25.26 -5.19
N MET A 143 0.88 -24.08 -5.66
CA MET A 143 1.38 -22.82 -5.13
C MET A 143 1.16 -22.73 -3.62
N HIS A 144 -0.05 -23.05 -3.18
CA HIS A 144 -0.37 -23.11 -1.75
C HIS A 144 0.54 -24.10 -1.03
N ASN A 145 0.66 -25.30 -1.58
CA ASN A 145 1.50 -26.33 -0.98
C ASN A 145 2.97 -25.94 -0.97
N ALA A 146 3.36 -25.12 -1.94
CA ALA A 146 4.73 -24.61 -2.01
C ALA A 146 5.06 -23.67 -0.85
N GLY A 147 4.04 -23.05 -0.26
CA GLY A 147 4.25 -22.19 0.88
C GLY A 147 3.32 -20.99 1.01
N PHE A 148 2.57 -20.69 -0.06
CA PHE A 148 1.64 -19.56 -0.03
C PHE A 148 0.58 -19.71 1.06
N GLY A 149 0.24 -20.96 1.38
CA GLY A 149 -0.71 -21.25 2.44
C GLY A 149 -2.01 -20.48 2.32
N PRO A 150 -2.45 -19.86 3.42
CA PRO A 150 -3.70 -19.09 3.47
C PRO A 150 -3.68 -17.81 2.65
N LEU A 151 -2.52 -17.45 2.10
CA LEU A 151 -2.42 -16.20 1.33
C LEU A 151 -2.55 -16.46 -0.17
N THR A 152 -2.75 -17.71 -0.52
CA THR A 152 -2.75 -18.14 -1.91
C THR A 152 -3.74 -17.40 -2.80
N ASP A 153 -5.02 -17.41 -2.41
CA ASP A 153 -6.08 -16.83 -3.23
C ASP A 153 -5.93 -15.32 -3.37
N LEU A 154 -5.42 -14.70 -2.32
CA LEU A 154 -5.15 -13.27 -2.32
C LEU A 154 -4.13 -12.95 -3.41
N VAL A 155 -3.11 -13.80 -3.52
CA VAL A 155 -2.07 -13.59 -4.52
C VAL A 155 -2.61 -13.82 -5.93
N PHE A 156 -3.49 -14.80 -6.07
CA PHE A 156 -4.06 -15.11 -7.39
C PHE A 156 -5.07 -14.05 -7.84
N THR A 157 -5.93 -13.63 -6.93
CA THR A 157 -6.91 -12.57 -7.23
C THR A 157 -6.21 -11.34 -7.80
N PHE A 158 -5.10 -10.95 -7.18
CA PHE A 158 -4.32 -9.81 -7.65
C PHE A 158 -3.77 -10.06 -9.06
N ALA A 159 -3.41 -11.32 -9.33
CA ALA A 159 -2.93 -11.70 -10.65
C ALA A 159 -4.01 -11.55 -11.73
N ASN A 160 -5.27 -11.75 -11.34
CA ASN A 160 -6.39 -11.59 -12.25
C ASN A 160 -6.62 -10.12 -12.58
N GLN A 161 -6.51 -9.28 -11.55
CA GLN A 161 -6.74 -7.86 -11.70
C GLN A 161 -5.55 -7.16 -12.33
N LEU A 162 -4.70 -7.94 -12.99
CA LEU A 162 -3.50 -7.39 -13.59
C LEU A 162 -3.52 -7.60 -15.11
N LEU A 163 -4.22 -8.64 -15.54
CA LEU A 163 -4.31 -8.99 -16.96
C LEU A 163 -5.03 -7.92 -17.80
N PRO A 164 -6.17 -7.39 -17.30
CA PRO A 164 -6.91 -6.37 -18.04
C PRO A 164 -6.04 -5.16 -18.38
N LEU A 165 -4.96 -4.97 -17.63
CA LEU A 165 -4.07 -3.85 -17.85
C LEU A 165 -3.04 -4.19 -18.93
N GLU A 166 -2.86 -5.49 -19.16
CA GLU A 166 -1.90 -5.99 -20.15
C GLU A 166 -0.62 -5.16 -20.17
N MET A 167 0.01 -5.06 -19.01
CA MET A 167 1.26 -4.32 -18.87
C MET A 167 2.38 -5.02 -19.61
N ASP A 168 3.38 -4.26 -20.02
CA ASP A 168 4.53 -4.82 -20.73
C ASP A 168 5.81 -4.64 -19.94
N ASP A 169 6.92 -5.05 -20.55
CA ASP A 169 8.23 -4.99 -19.91
C ASP A 169 8.52 -3.62 -19.30
N THR A 170 8.11 -2.58 -20.01
CA THR A 170 8.41 -1.20 -19.60
C THR A 170 7.57 -0.78 -18.41
N GLU A 171 6.27 -1.05 -18.49
CA GLU A 171 5.36 -0.70 -17.40
C GLU A 171 5.67 -1.52 -16.15
N THR A 172 5.81 -2.83 -16.32
CA THR A 172 6.16 -3.70 -15.20
C THR A 172 7.51 -3.31 -14.62
N GLY A 173 8.44 -2.91 -15.49
CA GLY A 173 9.78 -2.52 -15.07
C GLY A 173 9.80 -1.24 -14.27
N LEU A 174 9.23 -0.18 -14.84
CA LEU A 174 9.13 1.11 -14.17
C LEU A 174 8.40 0.96 -12.84
N LEU A 175 7.35 0.15 -12.84
CA LEU A 175 6.54 -0.07 -11.65
C LEU A 175 7.37 -0.75 -10.56
N SER A 176 8.30 -1.60 -10.98
CA SER A 176 9.17 -2.29 -10.03
C SER A 176 10.23 -1.32 -9.49
N ALA A 177 10.71 -0.45 -10.36
CA ALA A 177 11.70 0.56 -9.97
C ALA A 177 11.09 1.56 -9.00
N ILE A 178 9.79 1.80 -9.12
CA ILE A 178 9.10 2.72 -8.23
C ILE A 178 8.97 2.12 -6.83
N CYS A 179 8.68 0.83 -6.77
CA CYS A 179 8.67 0.10 -5.51
C CYS A 179 10.03 0.13 -4.86
N LEU A 180 11.06 -0.03 -5.69
CA LEU A 180 12.43 -0.15 -5.20
C LEU A 180 13.00 1.21 -4.79
N ILE A 181 12.71 2.25 -5.57
CA ILE A 181 13.18 3.58 -5.25
C ILE A 181 12.10 4.35 -4.50
N CYS A 182 11.86 3.95 -3.25
CA CYS A 182 10.84 4.58 -2.42
C CYS A 182 11.45 5.35 -1.25
N GLY A 183 11.19 6.65 -1.20
CA GLY A 183 11.79 7.51 -0.19
C GLY A 183 11.13 7.45 1.18
N ASP A 184 9.98 6.79 1.26
CA ASP A 184 9.24 6.70 2.52
C ASP A 184 9.59 5.45 3.34
N ARG A 185 10.53 4.65 2.84
CA ARG A 185 10.96 3.47 3.57
C ARG A 185 11.72 3.87 4.83
N GLN A 186 11.56 3.09 5.89
CA GLN A 186 12.14 3.43 7.17
C GLN A 186 13.64 3.19 7.24
N ASP A 187 14.29 3.91 8.14
CA ASP A 187 15.73 3.80 8.37
C ASP A 187 16.57 4.08 7.13
N LEU A 188 16.12 5.02 6.31
CA LEU A 188 16.92 5.49 5.18
C LEU A 188 17.85 6.59 5.64
N GLU A 189 19.10 6.54 5.19
CA GLU A 189 20.08 7.56 5.53
C GLU A 189 19.81 8.85 4.75
N GLU A 190 19.46 8.71 3.47
CA GLU A 190 19.18 9.86 2.62
C GLU A 190 17.84 9.74 1.92
N PRO A 191 16.74 9.83 2.69
CA PRO A 191 15.38 9.73 2.14
C PRO A 191 15.14 10.70 1.00
N THR A 192 15.60 11.94 1.15
CA THR A 192 15.37 12.97 0.13
C THR A 192 16.02 12.63 -1.21
N LYS A 193 17.27 12.15 -1.17
CA LYS A 193 17.94 11.77 -2.40
C LYS A 193 17.20 10.63 -3.09
N VAL A 194 16.83 9.62 -2.30
CA VAL A 194 16.06 8.50 -2.81
C VAL A 194 14.72 8.98 -3.37
N ASP A 195 14.16 10.00 -2.73
CA ASP A 195 12.87 10.53 -3.12
C ASP A 195 12.92 11.25 -4.47
N LYS A 196 13.92 12.11 -4.63
CA LYS A 196 14.10 12.87 -5.88
C LYS A 196 14.44 11.91 -7.01
N LEU A 197 14.90 10.72 -6.62
CA LEU A 197 15.35 9.71 -7.56
C LEU A 197 14.15 8.95 -8.11
N GLN A 198 13.08 8.92 -7.32
CA GLN A 198 11.85 8.26 -7.72
C GLN A 198 11.07 9.11 -8.70
N GLU A 199 11.24 10.43 -8.59
CA GLU A 199 10.44 11.37 -9.39
C GLU A 199 10.50 11.13 -10.89
N PRO A 200 11.71 11.06 -11.46
CA PRO A 200 11.81 10.81 -12.90
C PRO A 200 11.05 9.55 -13.33
N LEU A 201 11.08 8.52 -12.48
CA LEU A 201 10.39 7.26 -12.76
C LEU A 201 8.89 7.48 -12.91
N LEU A 202 8.31 8.16 -11.92
CA LEU A 202 6.89 8.48 -11.92
C LEU A 202 6.49 9.24 -13.18
N GLU A 203 7.39 10.09 -13.66
CA GLU A 203 7.12 10.86 -14.87
C GLU A 203 7.21 9.97 -16.11
N ALA A 204 8.22 9.11 -16.15
CA ALA A 204 8.40 8.18 -17.26
C ALA A 204 7.18 7.26 -17.39
N LEU A 205 6.71 6.74 -16.26
CA LEU A 205 5.55 5.86 -16.26
C LEU A 205 4.34 6.59 -16.82
N LYS A 206 4.10 7.81 -16.36
CA LYS A 206 3.00 8.62 -16.86
C LYS A 206 3.12 8.83 -18.37
N ILE A 207 4.28 9.29 -18.82
CA ILE A 207 4.50 9.55 -20.23
C ILE A 207 4.32 8.29 -21.08
N TYR A 208 4.94 7.20 -20.65
CA TYR A 208 4.84 5.94 -21.38
C TYR A 208 3.40 5.41 -21.43
N ILE A 209 2.76 5.36 -20.27
CA ILE A 209 1.39 4.86 -20.20
C ILE A 209 0.48 5.60 -21.15
N ARG A 210 0.79 6.86 -21.39
CA ARG A 210 -0.01 7.70 -22.27
C ARG A 210 0.41 7.49 -23.72
N LYS A 211 1.69 7.22 -23.94
CA LYS A 211 2.18 6.89 -25.27
C LYS A 211 1.50 5.61 -25.75
N ARG A 212 1.42 4.62 -24.89
CA ARG A 212 0.80 3.34 -25.23
C ARG A 212 -0.69 3.45 -25.47
N ARG A 213 -1.42 3.89 -24.44
CA ARG A 213 -2.87 3.97 -24.50
C ARG A 213 -3.39 5.40 -24.44
N PRO A 214 -3.27 6.14 -25.55
CA PRO A 214 -3.80 7.50 -25.65
C PRO A 214 -5.32 7.46 -25.68
N SER A 215 -5.87 6.26 -25.63
CA SER A 215 -7.31 6.08 -25.57
C SER A 215 -7.80 6.23 -24.13
N LYS A 216 -7.49 5.22 -23.32
CA LYS A 216 -7.82 5.24 -21.90
C LYS A 216 -6.85 6.18 -21.18
N PRO A 217 -7.35 7.36 -20.77
CA PRO A 217 -6.51 8.45 -20.24
C PRO A 217 -6.23 8.32 -18.74
N HIS A 218 -7.12 7.64 -18.01
CA HIS A 218 -6.97 7.52 -16.57
C HIS A 218 -6.18 6.26 -16.20
N MET A 219 -5.43 5.74 -17.16
CA MET A 219 -4.69 4.49 -16.96
C MET A 219 -3.42 4.67 -16.13
N PHE A 220 -2.97 5.91 -15.99
CA PHE A 220 -1.78 6.19 -15.19
C PHE A 220 -2.04 5.88 -13.71
N PRO A 221 -3.03 6.56 -13.10
CA PRO A 221 -3.30 6.30 -11.68
C PRO A 221 -3.76 4.87 -11.41
N LYS A 222 -4.38 4.24 -12.40
CA LYS A 222 -4.84 2.86 -12.23
C LYS A 222 -3.67 1.91 -12.11
N ILE A 223 -2.78 1.93 -13.10
CA ILE A 223 -1.57 1.10 -13.06
C ILE A 223 -0.73 1.46 -11.85
N LEU A 224 -0.44 2.76 -11.70
CA LEU A 224 0.40 3.23 -10.61
C LEU A 224 -0.06 2.73 -9.25
N MET A 225 -1.36 2.75 -9.02
CA MET A 225 -1.93 2.37 -7.73
C MET A 225 -2.03 0.85 -7.51
N LYS A 226 -1.51 0.07 -8.45
CA LYS A 226 -1.40 -1.37 -8.22
C LYS A 226 -0.36 -1.63 -7.14
N ILE A 227 0.42 -0.60 -6.83
CA ILE A 227 1.41 -0.68 -5.77
C ILE A 227 0.72 -0.73 -4.42
N THR A 228 -0.50 -0.22 -4.37
CA THR A 228 -1.33 -0.31 -3.18
C THR A 228 -1.58 -1.78 -2.86
N ASP A 229 -1.96 -2.55 -3.87
CA ASP A 229 -2.16 -3.98 -3.71
C ASP A 229 -0.87 -4.65 -3.29
N LEU A 230 0.24 -4.31 -3.95
CA LEU A 230 1.54 -4.88 -3.63
C LEU A 230 1.87 -4.76 -2.16
N ARG A 231 1.75 -3.55 -1.63
CA ARG A 231 2.11 -3.27 -0.23
C ARG A 231 1.24 -4.03 0.76
N SER A 232 -0.03 -4.26 0.39
CA SER A 232 -0.93 -4.99 1.26
C SER A 232 -0.59 -6.48 1.25
N ILE A 233 -0.45 -7.04 0.06
CA ILE A 233 -0.07 -8.44 -0.06
C ILE A 233 1.31 -8.64 0.58
N SER A 234 2.22 -7.69 0.33
CA SER A 234 3.57 -7.77 0.88
C SER A 234 3.56 -7.75 2.41
N ALA A 235 2.71 -6.92 3.00
CA ALA A 235 2.59 -6.85 4.45
C ALA A 235 2.16 -8.20 5.01
N LYS A 236 1.20 -8.81 4.35
CA LYS A 236 0.68 -10.12 4.77
C LYS A 236 1.66 -11.22 4.41
N GLY A 237 2.41 -11.02 3.33
CA GLY A 237 3.43 -11.96 2.91
C GLY A 237 4.49 -12.09 3.97
N ALA A 238 4.93 -10.94 4.49
CA ALA A 238 5.92 -10.90 5.54
C ALA A 238 5.41 -11.64 6.78
N GLU A 239 4.13 -11.47 7.08
CA GLU A 239 3.53 -12.13 8.25
C GLU A 239 3.42 -13.62 7.99
N ARG A 240 3.13 -13.97 6.74
CA ARG A 240 3.09 -15.36 6.31
C ARG A 240 4.45 -16.02 6.42
N VAL A 241 5.48 -15.34 5.90
CA VAL A 241 6.84 -15.88 5.95
C VAL A 241 7.22 -16.29 7.36
N ILE A 242 6.85 -15.46 8.33
CA ILE A 242 7.15 -15.75 9.73
C ILE A 242 6.45 -17.04 10.18
N THR A 243 5.25 -17.27 9.66
CA THR A 243 4.50 -18.48 9.98
C THR A 243 5.17 -19.70 9.37
N LEU A 244 5.60 -19.59 8.11
CA LEU A 244 6.37 -20.65 7.47
C LEU A 244 7.62 -20.99 8.28
N LYS A 245 8.26 -19.95 8.83
CA LYS A 245 9.54 -20.10 9.52
C LYS A 245 9.48 -21.14 10.65
N MET A 246 8.29 -21.39 11.18
CA MET A 246 8.14 -22.36 12.26
C MET A 246 7.49 -23.67 11.78
N GLU A 247 6.97 -23.66 10.55
CA GLU A 247 6.31 -24.84 10.01
C GLU A 247 7.26 -25.69 9.17
N ILE A 248 8.37 -25.09 8.74
CA ILE A 248 9.36 -25.78 7.92
C ILE A 248 10.41 -26.45 8.80
N PRO A 249 10.65 -27.75 8.55
CA PRO A 249 11.66 -28.54 9.27
C PRO A 249 13.09 -28.21 8.82
N GLY A 250 13.44 -26.93 8.91
CA GLY A 250 14.76 -26.46 8.53
C GLY A 250 14.73 -24.96 8.32
N SER A 251 15.87 -24.37 7.99
CA SER A 251 15.94 -22.94 7.74
C SER A 251 15.63 -22.63 6.28
N MET A 252 15.04 -21.47 6.02
CA MET A 252 14.85 -21.02 4.65
C MET A 252 16.22 -20.71 4.05
N PRO A 253 16.32 -20.66 2.71
CA PRO A 253 17.59 -20.27 2.09
C PRO A 253 18.14 -19.00 2.74
N PRO A 254 19.48 -18.90 2.86
CA PRO A 254 20.15 -17.83 3.59
C PRO A 254 19.77 -16.44 3.11
N LEU A 255 19.65 -16.27 1.80
CA LEU A 255 19.37 -14.96 1.21
C LEU A 255 17.96 -14.50 1.57
N ILE A 256 16.99 -15.40 1.42
CA ILE A 256 15.62 -15.09 1.79
C ILE A 256 15.57 -14.64 3.25
N GLN A 257 16.29 -15.36 4.11
CA GLN A 257 16.41 -14.97 5.51
C GLN A 257 16.78 -13.50 5.61
N GLU A 258 17.85 -13.13 4.92
CA GLU A 258 18.38 -11.77 4.98
C GLU A 258 17.37 -10.72 4.51
N MET A 259 16.73 -10.97 3.38
CA MET A 259 15.77 -10.02 2.81
C MET A 259 14.55 -9.85 3.69
N MET A 260 14.33 -10.83 4.58
CA MET A 260 13.12 -10.84 5.39
C MET A 260 13.41 -10.39 6.81
N GLU A 261 14.64 -9.90 7.03
CA GLU A 261 15.02 -9.38 8.33
C GLU A 261 14.52 -7.95 8.51
N SER B 23 -2.98 29.86 -17.77
CA SER B 23 -2.67 29.61 -16.35
C SER B 23 -3.68 28.63 -15.76
N TYR B 24 -4.67 28.24 -16.56
CA TYR B 24 -5.69 27.30 -16.13
C TYR B 24 -6.79 27.18 -17.18
N GLU B 25 -8.03 27.04 -16.70
CA GLU B 25 -9.19 26.89 -17.57
C GLU B 25 -10.42 26.62 -16.71
N MET B 26 -11.58 26.57 -17.34
CA MET B 26 -12.80 26.19 -16.64
C MET B 26 -12.79 24.69 -16.37
N THR B 27 -13.18 24.31 -15.16
CA THR B 27 -13.34 22.91 -14.79
C THR B 27 -14.63 22.77 -13.98
N ALA B 28 -15.60 23.61 -14.31
CA ALA B 28 -16.83 23.80 -13.54
C ALA B 28 -17.31 22.65 -12.65
N GLU B 29 -18.15 21.78 -13.22
CA GLU B 29 -18.83 20.75 -12.43
C GLU B 29 -17.87 19.77 -11.78
N LEU B 30 -16.60 20.11 -11.78
CA LEU B 30 -15.58 19.32 -11.11
C LEU B 30 -15.05 20.10 -9.90
N ASP B 31 -15.14 21.42 -10.00
CA ASP B 31 -14.84 22.30 -8.87
C ASP B 31 -15.98 22.24 -7.85
N ASP B 32 -17.20 22.10 -8.37
CA ASP B 32 -18.37 21.98 -7.49
C ASP B 32 -18.30 20.67 -6.71
N LEU B 33 -17.93 19.59 -7.40
CA LEU B 33 -17.70 18.32 -6.74
C LEU B 33 -16.58 18.45 -5.71
N THR B 34 -15.49 19.10 -6.10
CA THR B 34 -14.37 19.33 -5.20
C THR B 34 -14.81 20.07 -3.95
N GLU B 35 -15.75 21.00 -4.11
CA GLU B 35 -16.23 21.76 -2.98
C GLU B 35 -17.07 20.88 -2.06
N LYS B 36 -17.86 19.99 -2.66
CA LYS B 36 -18.64 19.03 -1.88
C LYS B 36 -17.75 18.19 -0.98
N ILE B 37 -16.58 17.83 -1.48
CA ILE B 37 -15.65 16.97 -0.76
C ILE B 37 -14.97 17.69 0.40
N ARG B 38 -14.64 18.96 0.18
CA ARG B 38 -13.98 19.77 1.20
C ARG B 38 -14.92 20.03 2.37
N LYS B 39 -16.17 20.41 2.06
CA LYS B 39 -17.17 20.66 3.09
C LYS B 39 -17.48 19.39 3.86
N ALA B 40 -17.63 18.28 3.12
CA ALA B 40 -17.91 16.99 3.73
C ALA B 40 -16.79 16.60 4.69
N HIS B 41 -15.56 16.88 4.31
CA HIS B 41 -14.41 16.56 5.14
C HIS B 41 -14.34 17.44 6.39
N GLN B 42 -14.21 18.75 6.16
CA GLN B 42 -14.11 19.72 7.25
C GLN B 42 -15.21 19.53 8.30
N GLU B 43 -16.45 19.40 7.83
CA GLU B 43 -17.59 19.29 8.73
C GLU B 43 -17.64 17.98 9.51
N THR B 44 -16.83 17.01 9.09
CA THR B 44 -16.76 15.74 9.80
C THR B 44 -15.37 15.51 10.41
N PHE B 45 -14.48 16.48 10.23
CA PHE B 45 -13.14 16.40 10.79
C PHE B 45 -12.59 17.79 11.09
N PRO B 46 -12.79 18.24 12.33
CA PRO B 46 -12.30 19.53 12.84
C PRO B 46 -10.82 19.72 12.58
N SER B 47 -10.45 20.85 11.98
CA SER B 47 -9.05 21.13 11.67
C SER B 47 -8.22 21.28 12.95
N LEU B 48 -6.94 20.89 12.87
CA LEU B 48 -6.06 20.89 14.04
C LEU B 48 -6.03 22.24 14.75
N CYS B 49 -5.84 23.31 13.99
CA CYS B 49 -5.72 24.65 14.56
C CYS B 49 -7.00 25.09 15.28
N GLN B 50 -8.08 24.36 15.07
CA GLN B 50 -9.40 24.77 15.53
C GLN B 50 -9.91 23.95 16.71
N LEU B 51 -8.99 23.42 17.51
CA LEU B 51 -9.40 22.57 18.64
C LEU B 51 -8.85 23.05 19.97
N GLY B 52 -9.58 22.75 21.04
CA GLY B 52 -9.15 23.10 22.38
C GLY B 52 -8.30 22.01 23.00
N LYS B 53 -7.00 22.09 22.76
CA LYS B 53 -6.07 21.05 23.19
C LYS B 53 -5.96 20.92 24.71
N TYR B 54 -5.88 19.68 25.18
CA TYR B 54 -5.60 19.40 26.58
C TYR B 54 -4.82 18.10 26.68
N THR B 55 -3.82 18.08 27.57
CA THR B 55 -2.97 16.90 27.72
C THR B 55 -3.37 16.05 28.92
N THR B 56 -2.66 14.94 29.09
CA THR B 56 -2.90 14.05 30.22
C THR B 56 -1.59 13.68 30.90
N ASN B 57 -1.68 13.24 32.15
CA ASN B 57 -0.51 12.91 32.94
C ASN B 57 -0.24 11.40 32.97
N SER B 58 -1.22 10.63 32.52
CA SER B 58 -1.14 9.17 32.60
C SER B 58 -0.01 8.57 31.77
N SER B 59 0.85 7.80 32.43
CA SER B 59 1.96 7.10 31.80
C SER B 59 2.60 7.88 30.64
N ALA B 60 2.87 9.15 30.87
CA ALA B 60 3.56 9.98 29.88
C ALA B 60 5.07 9.78 29.98
N ASP B 61 5.50 9.23 31.11
CA ASP B 61 6.92 9.06 31.39
C ASP B 61 7.55 7.90 30.61
N HIS B 62 7.04 6.69 30.81
CA HIS B 62 7.63 5.51 30.18
C HIS B 62 6.61 4.66 29.43
N ARG B 63 7.10 3.92 28.44
CA ARG B 63 6.26 3.05 27.63
C ARG B 63 5.78 1.83 28.41
N VAL B 64 4.57 1.37 28.09
CA VAL B 64 4.02 0.17 28.70
C VAL B 64 3.29 -0.68 27.66
N ARG B 65 2.85 -1.87 28.06
CA ARG B 65 2.14 -2.78 27.18
C ARG B 65 0.82 -2.18 26.72
N LEU B 66 0.01 -1.75 27.68
CA LEU B 66 -1.27 -1.13 27.39
C LEU B 66 -1.77 -0.38 28.62
N ASP B 67 -2.12 0.89 28.43
CA ASP B 67 -2.68 1.70 29.51
C ASP B 67 -4.20 1.65 29.47
N LEU B 68 -4.80 0.86 30.34
CA LEU B 68 -6.26 0.71 30.37
C LEU B 68 -6.97 2.06 30.35
N GLY B 69 -6.42 3.03 31.05
CA GLY B 69 -6.99 4.36 31.09
C GLY B 69 -6.96 5.04 29.73
N LEU B 70 -5.77 5.13 29.15
CA LEU B 70 -5.60 5.74 27.83
C LEU B 70 -6.39 4.98 26.78
N TRP B 71 -6.38 3.66 26.88
CA TRP B 71 -7.10 2.82 25.95
C TRP B 71 -8.60 3.12 25.98
N ASP B 72 -9.14 3.29 27.18
CA ASP B 72 -10.57 3.53 27.31
C ASP B 72 -11.02 4.74 26.50
N LYS B 73 -10.33 5.86 26.66
CA LYS B 73 -10.69 7.07 25.94
C LYS B 73 -10.39 6.94 24.45
N PHE B 74 -9.27 6.29 24.14
CA PHE B 74 -8.82 6.12 22.76
C PHE B 74 -9.83 5.33 21.94
N SER B 75 -10.23 4.17 22.46
CA SER B 75 -11.21 3.31 21.82
C SER B 75 -12.55 4.02 21.65
N GLU B 76 -12.85 4.96 22.55
CA GLU B 76 -14.08 5.74 22.44
C GLU B 76 -13.96 6.80 21.34
N LEU B 77 -12.80 7.42 21.24
CA LEU B 77 -12.56 8.43 20.20
C LEU B 77 -12.42 7.75 18.85
N ALA B 78 -11.97 6.50 18.87
CA ALA B 78 -11.91 5.70 17.66
C ALA B 78 -13.31 5.39 17.19
N THR B 79 -14.17 4.96 18.11
CA THR B 79 -15.57 4.68 17.78
C THR B 79 -16.20 5.91 17.16
N LYS B 80 -16.00 7.06 17.80
CA LYS B 80 -16.56 8.31 17.32
C LYS B 80 -16.04 8.70 15.94
N CYS B 81 -14.73 8.61 15.76
CA CYS B 81 -14.14 8.95 14.46
C CYS B 81 -14.68 8.05 13.36
N ILE B 82 -14.92 6.79 13.69
CA ILE B 82 -15.54 5.87 12.72
C ILE B 82 -16.91 6.39 12.33
N ILE B 83 -17.69 6.83 13.32
CA ILE B 83 -19.00 7.39 13.04
C ILE B 83 -18.91 8.58 12.08
N LYS B 84 -17.96 9.48 12.33
CA LYS B 84 -17.75 10.62 11.44
C LYS B 84 -17.32 10.16 10.04
N ILE B 85 -16.59 9.05 9.99
CA ILE B 85 -16.15 8.51 8.70
C ILE B 85 -17.32 8.03 7.87
N VAL B 86 -18.19 7.24 8.50
CA VAL B 86 -19.41 6.79 7.85
C VAL B 86 -20.20 7.98 7.33
N GLU B 87 -20.25 9.04 8.14
CA GLU B 87 -20.96 10.24 7.77
C GLU B 87 -20.32 10.90 6.56
N PHE B 88 -19.00 10.99 6.57
CA PHE B 88 -18.24 11.54 5.46
C PHE B 88 -18.53 10.76 4.17
N ALA B 89 -18.69 9.45 4.30
CA ALA B 89 -19.00 8.60 3.16
C ALA B 89 -20.34 8.98 2.53
N LYS B 90 -21.37 9.04 3.37
CA LYS B 90 -22.72 9.36 2.90
C LYS B 90 -22.78 10.76 2.26
N ARG B 91 -21.72 11.52 2.43
CA ARG B 91 -21.61 12.85 1.84
C ARG B 91 -21.10 12.78 0.41
N LEU B 92 -20.35 11.72 0.11
CA LEU B 92 -19.75 11.56 -1.21
C LEU B 92 -20.81 11.23 -2.26
N PRO B 93 -20.93 12.07 -3.29
CA PRO B 93 -21.94 11.89 -4.33
C PRO B 93 -21.96 10.47 -4.88
N GLY B 94 -23.12 9.83 -4.84
CA GLY B 94 -23.28 8.51 -5.42
C GLY B 94 -23.10 7.37 -4.44
N PHE B 95 -22.35 7.62 -3.37
CA PHE B 95 -22.07 6.58 -2.39
C PHE B 95 -23.35 5.94 -1.87
N THR B 96 -24.33 6.77 -1.56
CA THR B 96 -25.60 6.29 -1.06
C THR B 96 -26.35 5.55 -2.16
N GLY B 97 -26.00 5.87 -3.41
CA GLY B 97 -26.58 5.22 -4.57
C GLY B 97 -26.18 3.77 -4.70
N LEU B 98 -25.01 3.42 -4.15
CA LEU B 98 -24.54 2.05 -4.16
C LEU B 98 -25.37 1.22 -3.17
N THR B 99 -25.48 -0.08 -3.42
CA THR B 99 -26.24 -0.95 -2.54
C THR B 99 -25.62 -0.98 -1.15
N ILE B 100 -26.43 -1.28 -0.15
CA ILE B 100 -25.97 -1.32 1.23
C ILE B 100 -24.76 -2.25 1.41
N ALA B 101 -24.78 -3.37 0.69
CA ALA B 101 -23.70 -4.35 0.78
C ALA B 101 -22.38 -3.77 0.28
N ASP B 102 -22.45 -2.99 -0.79
CA ASP B 102 -21.25 -2.38 -1.36
C ASP B 102 -20.77 -1.19 -0.56
N GLN B 103 -21.71 -0.50 0.09
CA GLN B 103 -21.34 0.59 0.98
C GLN B 103 -20.56 0.03 2.16
N ILE B 104 -21.08 -1.06 2.72
CA ILE B 104 -20.42 -1.71 3.84
C ILE B 104 -19.04 -2.28 3.45
N THR B 105 -18.97 -2.91 2.28
CA THR B 105 -17.71 -3.48 1.78
CA THR B 105 -17.71 -3.49 1.84
C THR B 105 -16.64 -2.42 1.61
N LEU B 106 -17.04 -1.27 1.09
CA LEU B 106 -16.11 -0.16 0.85
C LEU B 106 -15.63 0.44 2.15
N LEU B 107 -16.56 0.62 3.08
CA LEU B 107 -16.23 1.16 4.39
C LEU B 107 -15.28 0.25 5.15
N LYS B 108 -15.62 -1.02 5.23
CA LYS B 108 -14.82 -1.99 5.99
C LYS B 108 -13.39 -2.11 5.49
N ALA B 109 -13.17 -1.79 4.21
CA ALA B 109 -11.85 -1.95 3.60
C ALA B 109 -10.98 -0.71 3.75
N ALA B 110 -11.61 0.46 3.78
CA ALA B 110 -10.87 1.71 3.80
C ALA B 110 -10.85 2.35 5.18
N CYS B 111 -11.73 1.88 6.06
CA CYS B 111 -11.91 2.50 7.36
C CYS B 111 -10.58 2.75 8.07
N LEU B 112 -9.87 1.68 8.36
CA LEU B 112 -8.60 1.80 9.08
C LEU B 112 -7.62 2.70 8.35
N ASP B 113 -7.65 2.66 7.01
CA ASP B 113 -6.78 3.49 6.21
C ASP B 113 -7.04 4.97 6.50
N ILE B 114 -8.29 5.30 6.75
CA ILE B 114 -8.67 6.68 6.99
C ILE B 114 -8.48 7.07 8.46
N LEU B 115 -8.78 6.16 9.38
CA LEU B 115 -8.45 6.37 10.78
C LEU B 115 -6.99 6.79 10.89
N ILE B 116 -6.12 6.05 10.21
CA ILE B 116 -4.71 6.38 10.16
C ILE B 116 -4.48 7.78 9.58
N LEU B 117 -5.02 8.00 8.39
CA LEU B 117 -4.84 9.27 7.69
C LEU B 117 -5.23 10.45 8.56
N ARG B 118 -6.40 10.36 9.20
CA ARG B 118 -6.90 11.46 10.01
C ARG B 118 -6.00 11.83 11.19
N ILE B 119 -5.70 10.85 12.04
CA ILE B 119 -4.88 11.10 13.22
C ILE B 119 -3.50 11.63 12.85
N CYS B 120 -3.03 11.28 11.66
CA CYS B 120 -1.70 11.70 11.20
C CYS B 120 -1.69 13.15 10.75
N THR B 121 -2.85 13.66 10.33
CA THR B 121 -2.96 15.06 9.95
C THR B 121 -3.16 15.92 11.19
N ARG B 122 -3.07 15.29 12.36
CA ARG B 122 -3.20 15.99 13.64
C ARG B 122 -1.89 15.93 14.40
N TYR B 123 -0.80 15.72 13.66
CA TYR B 123 0.52 15.59 14.26
C TYR B 123 1.18 16.94 14.45
N THR B 124 1.70 17.18 15.65
CA THR B 124 2.45 18.39 15.94
C THR B 124 3.94 18.05 15.95
N PRO B 125 4.66 18.45 14.90
CA PRO B 125 6.07 18.08 14.70
C PRO B 125 6.97 18.40 15.90
N GLU B 126 6.87 19.62 16.41
CA GLU B 126 7.75 20.08 17.47
C GLU B 126 7.48 19.37 18.80
N GLN B 127 6.21 19.26 19.19
CA GLN B 127 5.83 18.58 20.42
C GLN B 127 5.84 17.06 20.26
N ASP B 128 5.87 16.60 19.02
CA ASP B 128 5.81 15.18 18.72
C ASP B 128 4.57 14.57 19.38
N THR B 129 3.40 15.11 19.04
CA THR B 129 2.14 14.64 19.59
C THR B 129 1.06 14.47 18.54
N MET B 130 -0.10 13.98 18.97
CA MET B 130 -1.27 13.89 18.10
C MET B 130 -2.52 14.32 18.86
N THR B 131 -3.41 15.01 18.16
CA THR B 131 -4.61 15.55 18.79
C THR B 131 -5.89 14.91 18.25
N PHE B 132 -6.77 14.52 19.15
CA PHE B 132 -8.07 13.97 18.78
C PHE B 132 -9.12 15.07 18.71
N SER B 133 -10.30 14.73 18.20
CA SER B 133 -11.35 15.72 17.95
C SER B 133 -12.01 16.27 19.21
N ASP B 134 -11.48 15.90 20.37
CA ASP B 134 -11.98 16.46 21.63
C ASP B 134 -10.89 17.31 22.28
N GLY B 135 -9.77 17.45 21.57
CA GLY B 135 -8.66 18.25 22.04
C GLY B 135 -7.54 17.42 22.64
N LEU B 136 -7.88 16.23 23.12
CA LEU B 136 -6.91 15.34 23.73
C LEU B 136 -5.64 15.24 22.90
N THR B 137 -4.51 15.55 23.52
CA THR B 137 -3.23 15.60 22.82
C THR B 137 -2.20 14.72 23.53
N LEU B 138 -1.85 13.60 22.90
CA LEU B 138 -0.93 12.64 23.48
C LEU B 138 0.42 12.68 22.78
N ASN B 139 1.49 12.43 23.52
CA ASN B 139 2.82 12.34 22.93
C ASN B 139 3.09 10.93 22.46
N ARG B 140 4.11 10.77 21.62
CA ARG B 140 4.44 9.49 21.01
C ARG B 140 4.29 8.31 21.98
N THR B 141 4.85 8.46 23.18
CA THR B 141 4.85 7.40 24.17
C THR B 141 3.44 7.05 24.65
N GLN B 142 2.57 8.05 24.71
CA GLN B 142 1.19 7.83 25.16
C GLN B 142 0.36 7.19 24.05
N MET B 143 0.69 7.51 22.80
CA MET B 143 0.06 6.86 21.67
C MET B 143 0.42 5.38 21.70
N HIS B 144 1.66 5.10 22.06
CA HIS B 144 2.11 3.73 22.24
C HIS B 144 1.25 3.01 23.28
N ASN B 145 1.08 3.65 24.44
CA ASN B 145 0.35 3.05 25.56
C ASN B 145 -1.17 3.07 25.36
N ALA B 146 -1.63 3.86 24.40
CA ALA B 146 -3.05 3.93 24.11
C ALA B 146 -3.49 2.71 23.32
N GLY B 147 -2.53 2.09 22.63
CA GLY B 147 -2.78 0.86 21.91
C GLY B 147 -2.03 0.74 20.59
N PHE B 148 -1.03 1.58 20.40
CA PHE B 148 -0.27 1.60 19.15
C PHE B 148 0.84 0.54 19.13
N GLY B 149 1.35 0.19 20.31
CA GLY B 149 2.39 -0.79 20.43
C GLY B 149 3.49 -0.61 19.40
N PRO B 150 3.90 -1.71 18.74
CA PRO B 150 5.00 -1.71 17.77
C PRO B 150 4.74 -0.80 16.58
N LEU B 151 3.48 -0.45 16.35
CA LEU B 151 3.13 0.38 15.20
C LEU B 151 3.38 1.87 15.45
N THR B 152 3.72 2.21 16.69
CA THR B 152 3.90 3.60 17.06
C THR B 152 4.85 4.34 16.13
N ASP B 153 6.09 3.90 16.09
CA ASP B 153 7.12 4.57 15.30
C ASP B 153 6.76 4.60 13.82
N LEU B 154 6.07 3.56 13.35
CA LEU B 154 5.68 3.45 11.95
C LEU B 154 4.63 4.48 11.56
N VAL B 155 3.59 4.59 12.38
CA VAL B 155 2.54 5.57 12.16
C VAL B 155 3.10 6.99 12.26
N PHE B 156 3.92 7.22 13.29
CA PHE B 156 4.53 8.53 13.50
C PHE B 156 5.47 8.91 12.36
N THR B 157 6.13 7.93 11.77
CA THR B 157 6.99 8.19 10.63
C THR B 157 6.14 8.69 9.46
N PHE B 158 4.99 8.06 9.25
CA PHE B 158 4.08 8.47 8.20
C PHE B 158 3.60 9.91 8.41
N ALA B 159 3.28 10.26 9.66
CA ALA B 159 2.85 11.62 9.99
C ALA B 159 3.89 12.64 9.54
N ASN B 160 5.15 12.36 9.83
CA ASN B 160 6.23 13.27 9.45
C ASN B 160 6.45 13.34 7.94
N GLN B 161 6.06 12.27 7.24
CA GLN B 161 6.20 12.22 5.79
C GLN B 161 5.12 13.05 5.09
N LEU B 162 4.05 13.35 5.81
CA LEU B 162 2.95 14.15 5.27
C LEU B 162 3.22 15.64 5.32
N LEU B 163 3.88 16.08 6.39
CA LEU B 163 4.14 17.51 6.58
C LEU B 163 4.67 18.19 5.32
N PRO B 164 5.81 17.70 4.79
CA PRO B 164 6.48 18.33 3.64
C PRO B 164 5.58 18.47 2.41
N LEU B 165 4.42 17.84 2.43
CA LEU B 165 3.49 17.93 1.30
C LEU B 165 2.53 19.11 1.49
N GLU B 166 2.32 19.48 2.74
CA GLU B 166 1.47 20.61 3.08
C GLU B 166 0.08 20.50 2.47
N MET B 167 -0.51 19.31 2.57
CA MET B 167 -1.87 19.10 2.09
C MET B 167 -2.83 20.00 2.85
N ASP B 168 -3.97 20.30 2.23
CA ASP B 168 -5.01 21.06 2.91
C ASP B 168 -6.23 20.17 3.08
N ASP B 169 -7.27 20.71 3.69
CA ASP B 169 -8.48 19.93 3.93
C ASP B 169 -9.10 19.43 2.62
N THR B 170 -8.92 20.18 1.54
CA THR B 170 -9.46 19.76 0.25
C THR B 170 -8.74 18.50 -0.24
N GLU B 171 -7.42 18.54 -0.24
CA GLU B 171 -6.61 17.43 -0.72
C GLU B 171 -6.75 16.20 0.18
N THR B 172 -6.90 16.44 1.48
CA THR B 172 -7.08 15.36 2.44
C THR B 172 -8.44 14.69 2.28
N GLY B 173 -9.47 15.49 2.02
CA GLY B 173 -10.80 14.96 1.82
C GLY B 173 -10.86 14.18 0.52
N LEU B 174 -10.27 14.76 -0.53
CA LEU B 174 -10.24 14.14 -1.84
C LEU B 174 -9.51 12.81 -1.79
N LEU B 175 -8.48 12.75 -0.95
CA LEU B 175 -7.65 11.56 -0.84
C LEU B 175 -8.40 10.45 -0.13
N SER B 176 -9.02 10.80 0.99
CA SER B 176 -9.82 9.87 1.77
C SER B 176 -10.95 9.31 0.91
N ALA B 177 -11.47 10.15 0.03
CA ALA B 177 -12.57 9.74 -0.86
C ALA B 177 -12.09 8.74 -1.91
N ILE B 178 -10.94 9.03 -2.52
CA ILE B 178 -10.36 8.12 -3.50
C ILE B 178 -10.11 6.77 -2.87
N CYS B 179 -9.68 6.81 -1.61
CA CYS B 179 -9.35 5.60 -0.86
C CYS B 179 -10.58 4.73 -0.60
N LEU B 180 -11.66 5.36 -0.13
CA LEU B 180 -12.90 4.65 0.16
C LEU B 180 -13.55 4.13 -1.12
N ILE B 181 -13.73 5.02 -2.08
CA ILE B 181 -14.39 4.68 -3.34
C ILE B 181 -13.43 3.95 -4.27
N CYS B 182 -13.07 2.73 -3.90
CA CYS B 182 -12.14 1.93 -4.68
C CYS B 182 -12.85 0.68 -5.20
N GLY B 183 -12.88 0.53 -6.52
CA GLY B 183 -13.62 -0.55 -7.14
C GLY B 183 -12.87 -1.86 -7.23
N ASP B 184 -11.78 -1.99 -6.48
CA ASP B 184 -10.98 -3.21 -6.51
C ASP B 184 -11.21 -4.07 -5.27
N ARG B 185 -12.12 -3.62 -4.41
CA ARG B 185 -12.43 -4.35 -3.19
C ARG B 185 -13.10 -5.69 -3.51
N GLN B 186 -12.95 -6.63 -2.59
CA GLN B 186 -13.47 -7.98 -2.73
C GLN B 186 -14.95 -8.04 -2.33
N ASP B 187 -15.71 -8.93 -2.97
CA ASP B 187 -17.12 -9.13 -2.64
C ASP B 187 -17.94 -7.88 -2.91
N LEU B 188 -17.64 -7.24 -4.02
CA LEU B 188 -18.29 -5.99 -4.39
C LEU B 188 -19.22 -6.28 -5.56
N GLU B 189 -20.46 -5.81 -5.48
CA GLU B 189 -21.49 -6.21 -6.43
C GLU B 189 -21.53 -5.35 -7.70
N GLU B 190 -21.27 -4.06 -7.55
CA GLU B 190 -21.28 -3.15 -8.69
C GLU B 190 -19.97 -2.37 -8.77
N PRO B 191 -18.86 -3.09 -9.01
CA PRO B 191 -17.50 -2.53 -8.96
C PRO B 191 -17.24 -1.43 -9.98
N THR B 192 -17.96 -1.45 -11.09
CA THR B 192 -17.78 -0.45 -12.13
C THR B 192 -18.59 0.80 -11.83
N LYS B 193 -19.69 0.61 -11.11
CA LYS B 193 -20.47 1.73 -10.58
C LYS B 193 -19.56 2.49 -9.63
N VAL B 194 -18.74 1.76 -8.91
CA VAL B 194 -17.78 2.33 -7.97
C VAL B 194 -16.64 3.01 -8.71
N ASP B 195 -16.13 2.33 -9.73
CA ASP B 195 -15.06 2.89 -10.55
C ASP B 195 -15.48 4.23 -11.14
N LYS B 196 -16.70 4.28 -11.67
CA LYS B 196 -17.23 5.49 -12.26
C LYS B 196 -17.23 6.63 -11.25
N LEU B 197 -17.66 6.33 -10.03
CA LEU B 197 -17.69 7.33 -8.96
C LEU B 197 -16.29 7.84 -8.60
N GLN B 198 -15.34 6.92 -8.54
CA GLN B 198 -13.96 7.26 -8.18
C GLN B 198 -13.30 8.11 -9.26
N GLU B 199 -13.62 7.82 -10.51
CA GLU B 199 -12.96 8.44 -11.66
C GLU B 199 -12.79 9.95 -11.54
N PRO B 200 -13.89 10.69 -11.33
CA PRO B 200 -13.79 12.15 -11.20
C PRO B 200 -12.99 12.59 -9.99
N LEU B 201 -13.13 11.88 -8.87
CA LEU B 201 -12.36 12.19 -7.67
C LEU B 201 -10.88 12.22 -7.96
N LEU B 202 -10.46 11.42 -8.94
CA LEU B 202 -9.06 11.38 -9.35
C LEU B 202 -8.70 12.61 -10.18
N GLU B 203 -9.51 12.90 -11.19
CA GLU B 203 -9.26 14.06 -12.04
C GLU B 203 -9.48 15.35 -11.26
N ALA B 204 -10.34 15.28 -10.25
CA ALA B 204 -10.59 16.42 -9.37
C ALA B 204 -9.35 16.75 -8.58
N LEU B 205 -8.73 15.71 -8.04
CA LEU B 205 -7.48 15.86 -7.29
C LEU B 205 -6.37 16.35 -8.21
N LYS B 206 -6.18 15.64 -9.32
CA LYS B 206 -5.18 15.99 -10.31
C LYS B 206 -5.18 17.48 -10.61
N ILE B 207 -6.37 18.03 -10.82
CA ILE B 207 -6.55 19.45 -11.15
C ILE B 207 -6.27 20.36 -9.97
N TYR B 208 -6.95 20.10 -8.86
CA TYR B 208 -6.84 20.95 -7.68
C TYR B 208 -5.40 21.14 -7.24
N ILE B 209 -4.59 20.11 -7.40
CA ILE B 209 -3.18 20.17 -7.04
C ILE B 209 -2.41 21.07 -8.00
N ARG B 210 -2.82 21.03 -9.27
CA ARG B 210 -2.20 21.87 -10.29
C ARG B 210 -2.53 23.34 -10.06
N LYS B 211 -3.74 23.61 -9.60
CA LYS B 211 -4.15 24.98 -9.30
C LYS B 211 -3.54 25.47 -8.00
N ARG B 212 -3.60 24.62 -6.97
CA ARG B 212 -3.07 24.98 -5.66
C ARG B 212 -1.55 25.15 -5.70
N ARG B 213 -0.91 24.53 -6.69
CA ARG B 213 0.53 24.65 -6.87
C ARG B 213 0.89 24.86 -8.33
N PRO B 214 1.50 26.01 -8.64
CA PRO B 214 1.89 26.35 -10.02
C PRO B 214 3.34 25.96 -10.32
N SER B 215 4.06 25.51 -9.31
CA SER B 215 5.47 25.14 -9.48
C SER B 215 5.65 23.62 -9.48
N LYS B 216 5.94 23.07 -8.30
CA LYS B 216 6.18 21.63 -8.15
C LYS B 216 5.10 20.79 -8.83
N PRO B 217 5.42 20.22 -10.00
CA PRO B 217 4.45 19.55 -10.88
C PRO B 217 4.38 18.04 -10.68
N HIS B 218 5.27 17.48 -9.86
CA HIS B 218 5.26 16.05 -9.60
C HIS B 218 4.57 15.74 -8.28
N MET B 219 3.56 16.55 -7.95
CA MET B 219 2.89 16.42 -6.65
C MET B 219 1.68 15.51 -6.69
N PHE B 220 1.02 15.42 -7.84
CA PHE B 220 -0.15 14.55 -7.97
C PHE B 220 0.21 13.09 -7.64
N PRO B 221 1.25 12.55 -8.29
CA PRO B 221 1.67 11.17 -8.00
C PRO B 221 2.13 11.01 -6.56
N LYS B 222 3.02 11.89 -6.12
CA LYS B 222 3.59 11.84 -4.77
C LYS B 222 2.50 11.73 -3.72
N ILE B 223 1.49 12.57 -3.84
CA ILE B 223 0.37 12.59 -2.90
C ILE B 223 -0.53 11.38 -3.13
N LEU B 224 -0.79 11.07 -4.40
CA LEU B 224 -1.70 10.00 -4.75
C LEU B 224 -1.28 8.65 -4.17
N MET B 225 -0.01 8.30 -4.34
CA MET B 225 0.47 7.01 -3.85
C MET B 225 0.85 7.03 -2.37
N LYS B 226 0.39 8.04 -1.64
CA LYS B 226 0.47 8.01 -0.19
C LYS B 226 -0.61 7.04 0.31
N ILE B 227 -1.57 6.75 -0.57
CA ILE B 227 -2.57 5.71 -0.29
C ILE B 227 -1.86 4.37 -0.16
N THR B 228 -0.81 4.21 -0.97
CA THR B 228 0.04 3.03 -0.91
C THR B 228 0.62 2.86 0.49
N ASP B 229 1.14 3.96 1.04
CA ASP B 229 1.68 3.97 2.39
C ASP B 229 0.63 3.58 3.42
N LEU B 230 -0.58 4.12 3.25
CA LEU B 230 -1.67 3.84 4.18
C LEU B 230 -1.99 2.36 4.21
N ARG B 231 -1.89 1.73 3.05
CA ARG B 231 -2.25 0.33 2.89
C ARG B 231 -1.33 -0.57 3.73
N SER B 232 -0.03 -0.31 3.68
CA SER B 232 0.94 -1.05 4.49
C SER B 232 0.56 -0.97 5.95
N ILE B 233 0.37 0.26 6.43
CA ILE B 233 0.06 0.49 7.83
C ILE B 233 -1.30 -0.12 8.20
N SER B 234 -2.26 0.01 7.29
CA SER B 234 -3.59 -0.57 7.53
C SER B 234 -3.55 -2.09 7.59
N ALA B 235 -2.65 -2.69 6.82
CA ALA B 235 -2.47 -4.13 6.85
C ALA B 235 -1.89 -4.57 8.19
N LYS B 236 -0.74 -4.02 8.53
CA LYS B 236 -0.12 -4.31 9.82
C LYS B 236 -1.02 -3.84 10.95
N GLY B 237 -1.89 -2.89 10.65
CA GLY B 237 -2.82 -2.34 11.63
C GLY B 237 -3.85 -3.35 12.06
N ALA B 238 -4.43 -4.05 11.09
CA ALA B 238 -5.44 -5.06 11.39
C ALA B 238 -4.91 -6.11 12.36
N GLU B 239 -3.63 -6.43 12.24
CA GLU B 239 -3.03 -7.48 13.07
C GLU B 239 -2.85 -6.98 14.50
N ARG B 240 -2.58 -5.69 14.62
CA ARG B 240 -2.52 -5.01 15.90
C ARG B 240 -3.89 -5.10 16.58
N VAL B 241 -4.93 -4.86 15.80
CA VAL B 241 -6.30 -4.91 16.30
C VAL B 241 -6.69 -6.30 16.79
N ILE B 242 -6.06 -7.33 16.21
CA ILE B 242 -6.31 -8.71 16.63
C ILE B 242 -5.63 -8.94 17.98
N THR B 243 -4.37 -8.52 18.06
CA THR B 243 -3.58 -8.63 19.28
C THR B 243 -4.22 -7.87 20.45
N LEU B 244 -4.83 -6.74 20.15
CA LEU B 244 -5.42 -5.90 21.19
C LEU B 244 -6.52 -6.60 21.96
N LYS B 245 -7.35 -7.37 21.26
CA LYS B 245 -8.44 -8.09 21.90
C LYS B 245 -7.92 -9.10 22.91
N MET B 246 -6.62 -9.35 22.86
CA MET B 246 -5.97 -10.29 23.78
C MET B 246 -5.45 -9.57 25.02
N GLU B 247 -5.55 -8.24 25.04
CA GLU B 247 -5.01 -7.43 26.13
C GLU B 247 -6.09 -6.64 26.84
N ILE B 248 -7.28 -6.62 26.24
CA ILE B 248 -8.37 -5.74 26.65
C ILE B 248 -9.17 -6.27 27.83
N PRO B 249 -9.49 -5.39 28.79
CA PRO B 249 -10.39 -5.75 29.90
C PRO B 249 -11.59 -6.60 29.49
N GLY B 250 -12.37 -6.14 28.53
CA GLY B 250 -13.51 -6.90 28.09
C GLY B 250 -13.52 -7.17 26.60
N SER B 251 -14.40 -6.47 25.90
CA SER B 251 -14.59 -6.68 24.48
C SER B 251 -14.32 -5.40 23.70
N MET B 252 -14.06 -5.57 22.40
CA MET B 252 -13.87 -4.45 21.50
C MET B 252 -15.19 -3.72 21.27
N PRO B 253 -15.14 -2.38 21.21
CA PRO B 253 -16.32 -1.62 20.85
C PRO B 253 -16.97 -2.28 19.63
N PRO B 254 -18.27 -2.59 19.72
CA PRO B 254 -18.97 -3.36 18.68
C PRO B 254 -18.73 -2.81 17.28
N LEU B 255 -18.64 -1.49 17.18
CA LEU B 255 -18.44 -0.84 15.88
C LEU B 255 -17.04 -1.15 15.32
N ILE B 256 -16.05 -1.18 16.21
CA ILE B 256 -14.69 -1.47 15.78
C ILE B 256 -14.60 -2.90 15.22
N GLN B 257 -15.19 -3.86 15.93
CA GLN B 257 -15.22 -5.26 15.47
C GLN B 257 -15.97 -5.39 14.14
N GLU B 258 -17.05 -4.62 14.03
CA GLU B 258 -17.90 -4.64 12.86
C GLU B 258 -17.12 -4.19 11.62
N MET B 259 -16.13 -3.34 11.84
CA MET B 259 -15.35 -2.76 10.74
C MET B 259 -14.11 -3.58 10.39
N MET B 260 -13.68 -4.45 11.29
CA MET B 260 -12.41 -5.16 11.11
C MET B 260 -12.54 -6.63 10.70
N GLU B 261 -13.70 -7.22 10.96
CA GLU B 261 -13.95 -8.64 10.66
C GLU B 261 -12.90 -9.25 9.74
N HIS C 2 -23.90 -7.41 10.71
CA HIS C 2 -23.79 -6.03 11.19
C HIS C 2 -25.13 -5.53 11.69
N LYS C 3 -25.10 -4.84 12.83
CA LYS C 3 -26.28 -4.21 13.40
C LYS C 3 -26.14 -2.70 13.29
N ILE C 4 -24.90 -2.24 13.48
CA ILE C 4 -24.61 -0.80 13.53
C ILE C 4 -24.52 -0.19 12.14
N LEU C 5 -23.60 -0.68 11.33
CA LEU C 5 -23.43 -0.19 9.96
C LEU C 5 -24.75 -0.13 9.19
N HIS C 6 -25.55 -1.19 9.30
CA HIS C 6 -26.87 -1.22 8.69
C HIS C 6 -27.68 0.01 9.11
N ARG C 7 -27.83 0.21 10.41
CA ARG C 7 -28.57 1.36 10.92
C ARG C 7 -27.98 2.67 10.39
N LEU C 8 -26.73 2.92 10.75
CA LEU C 8 -26.02 4.14 10.38
C LEU C 8 -26.13 4.47 8.89
N LEU C 9 -26.15 3.43 8.07
CA LEU C 9 -26.20 3.61 6.61
C LEU C 9 -27.61 3.85 6.11
N GLN C 10 -28.53 2.98 6.51
CA GLN C 10 -29.94 3.14 6.14
C GLN C 10 -30.46 4.48 6.65
N GLU C 11 -29.82 5.00 7.68
CA GLU C 11 -30.16 6.31 8.23
C GLU C 11 -31.58 6.34 8.81
N ARG D 1 24.06 -12.52 11.08
CA ARG D 1 24.87 -11.57 10.33
C ARG D 1 25.22 -12.12 8.95
N HIS D 2 24.21 -12.26 8.10
CA HIS D 2 24.39 -12.79 6.75
C HIS D 2 25.36 -11.93 5.95
N LYS D 3 26.00 -12.52 4.95
CA LYS D 3 27.03 -11.82 4.18
C LYS D 3 26.80 -11.98 2.69
N ILE D 4 25.61 -12.47 2.32
CA ILE D 4 25.31 -12.75 0.92
C ILE D 4 24.95 -11.48 0.14
N LEU D 5 23.89 -10.81 0.56
CA LEU D 5 23.38 -9.65 -0.15
C LEU D 5 24.50 -8.67 -0.51
N HIS D 6 25.36 -8.37 0.46
CA HIS D 6 26.48 -7.46 0.19
C HIS D 6 27.37 -7.98 -0.93
N ARG D 7 27.75 -9.26 -0.87
CA ARG D 7 28.55 -9.86 -1.92
C ARG D 7 27.88 -9.72 -3.29
N LEU D 8 26.56 -9.85 -3.31
CA LEU D 8 25.81 -9.72 -4.56
C LEU D 8 25.87 -8.28 -5.05
N LEU D 9 25.69 -7.34 -4.13
CA LEU D 9 25.81 -5.91 -4.44
C LEU D 9 27.16 -5.61 -5.07
N GLN D 10 28.22 -6.09 -4.43
CA GLN D 10 29.56 -5.78 -4.90
C GLN D 10 29.78 -6.32 -6.30
N GLU D 11 29.09 -7.41 -6.62
CA GLU D 11 29.07 -8.05 -7.94
C GLU D 11 29.87 -9.35 -7.96
CAJ JYH E . 9.73 -16.46 -7.23
CAM JYH E . 10.45 -16.89 -8.35
CAW JYH E . 10.24 -16.32 -9.63
CAT JYH E . 10.94 -16.74 -10.81
OAC JYH E . 10.51 -16.47 -11.97
OAA JYH E . 11.97 -17.47 -10.75
CAN JYH E . 9.26 -15.31 -9.70
CAK JYH E . 8.55 -14.89 -8.57
CAV JYH E . 8.78 -15.44 -7.31
NAS JYH E . 7.99 -15.01 -6.28
CAU JYH E . 8.16 -15.39 -4.98
OAB JYH E . 9.05 -16.16 -4.59
CAX JYH E . 7.13 -14.98 -4.10
CAR JYH E . 7.17 -15.24 -2.71
CBB JYH E . 6.13 -14.88 -1.85
CAO JYH E . 5.99 -14.37 -4.63
CAQ JYH E . 4.93 -14.03 -3.78
CBA JYH E . 4.99 -14.27 -2.40
CAP JYH E . 3.92 -13.90 -1.56
CAG JYH E . 3.95 -14.13 -0.17
CAL JYH E . 5.07 -14.75 0.39
CAZ JYH E . 6.16 -15.10 -0.45
CAY JYH E . 7.27 -15.71 0.12
CAH JYH E . 7.10 -16.87 0.89
CAE JYH E . 8.25 -17.46 1.43
CAD JYH E . 9.54 -16.94 1.20
CAF JYH E . 9.67 -15.78 0.43
CAI JYH E . 8.53 -15.17 -0.11
CAJ JYH F . -9.25 8.18 16.18
CAM JYH F . -9.87 9.39 16.55
CAW JYH F . -9.62 10.58 15.83
CAT JYH F . -10.21 11.82 16.19
OAC JYH F . -10.26 12.79 15.37
OAA JYH F . -10.67 12.00 17.34
CAN JYH F . -8.72 10.53 14.75
CAK JYH F . -8.12 9.31 14.39
CAV JYH F . -8.37 8.12 15.06
NAS JYH F . -7.67 7.03 14.63
CAU JYH F . -7.67 5.75 15.16
OAB JYH F . -8.43 5.33 16.04
CAX JYH F . -6.61 4.93 14.72
CAR JYH F . -6.57 3.57 15.09
CBB JYH F . -5.52 2.72 14.72
CAO JYH F . -5.54 5.45 14.00
CAQ JYH F . -4.47 4.61 13.61
CBA JYH F . -4.46 3.25 13.96
CAP JYH F . -3.39 2.43 13.56
CAG JYH F . -3.35 1.08 13.90
CAL JYH F . -4.41 0.55 14.65
CAZ JYH F . -5.51 1.33 15.05
CAY JYH F . -6.55 0.76 15.82
CAH JYH F . -6.30 0.13 17.05
CAE JYH F . -7.35 -0.38 17.82
CAD JYH F . -8.66 -0.31 17.39
CAF JYH F . -8.94 0.28 16.17
CAI JYH F . -7.89 0.81 15.41
CAC FLC G . 28.36 -19.19 4.66
CA FLC G . 28.30 -18.11 3.56
CB FLC G . 27.66 -16.80 4.04
CBC FLC G . 27.90 -16.21 2.64
CG FLC G . 26.36 -17.57 4.32
CGC FLC G . 25.32 -16.58 4.84
OA1 FLC G . 27.36 -19.94 4.79
OA2 FLC G . 29.41 -19.26 5.32
OB1 FLC G . 27.12 -16.58 1.73
OB2 FLC G . 28.83 -15.38 2.51
OG1 FLC G . 25.45 -15.40 4.48
OG2 FLC G . 24.41 -17.04 5.58
OHB FLC G . 28.69 -16.73 5.06
#